data_3HLV
#
_entry.id   3HLV
#
_cell.length_a   55.826
_cell.length_b   83.373
_cell.length_c   58.481
_cell.angle_alpha   90.00
_cell.angle_beta   108.29
_cell.angle_gamma   90.00
#
_symmetry.space_group_name_H-M   'P 1 21 1'
#
loop_
_entity.id
_entity.type
_entity.pdbx_description
1 polymer 'Estrogen receptor'
2 polymer 'Nuclear receptor coactivator 2'
3 non-polymer (9beta,13alpha,16beta)-3,16-dihydroxyestra-1,3,5(10)-trien-17-one
4 water water
#
loop_
_entity_poly.entity_id
_entity_poly.type
_entity_poly.pdbx_seq_one_letter_code
_entity_poly.pdbx_strand_id
1 'polypeptide(L)'
;IKRSKKNSLALSLTADQMVSALLDAEPPILYSEYDPTRPFSEASMMGLLTNLADRELVHMINWAKRVPGFVDLTLHDQVH
LLECAWLEILMIGLVWRSMEHPGKLLFAPNLLLDRNQGKCVEGMVEIFDMLLATSSRFRMMNLQGEEFVCLKSIILLNSG
VYTFLSSTLKSLEEKDHIHRVLDKITDTLIHLMAKAGLTLQQQHQRLAQLLLILSHIRHMSNKGMEHLYSMKCKNVVPLS
DLLLEMLDAHRLH
;
A,B
2 'polypeptide(L)' KHKILHRLLQDSS C,D
#
loop_
_chem_comp.id
_chem_comp.type
_chem_comp.name
_chem_comp.formula
J2Z non-polymer (9beta,13alpha,16beta)-3,16-dihydroxyestra-1,3,5(10)-trien-17-one 'C18 H22 O3'
#
# COMPACT_ATOMS: atom_id res chain seq x y z
N ASN A 7 2.44 -4.94 31.97
CA ASN A 7 2.09 -3.59 31.57
C ASN A 7 1.69 -3.51 30.09
N SER A 8 1.49 -4.68 29.49
CA SER A 8 1.07 -4.84 28.10
C SER A 8 0.11 -6.06 28.01
N LEU A 9 -1.10 -5.94 28.56
CA LEU A 9 -1.94 -7.12 28.64
C LEU A 9 -2.86 -7.24 27.46
N ALA A 10 -2.61 -6.45 26.44
CA ALA A 10 -3.16 -6.76 25.14
C ALA A 10 -2.29 -7.93 24.62
N LEU A 11 -1.10 -8.07 25.20
CA LEU A 11 -0.21 -9.17 24.87
C LEU A 11 -0.73 -10.53 25.39
N SER A 12 -1.44 -10.51 26.52
CA SER A 12 -1.94 -11.73 27.18
C SER A 12 -3.36 -12.12 26.78
N LEU A 13 -3.81 -11.62 25.64
CA LEU A 13 -5.10 -12.03 25.09
C LEU A 13 -5.00 -13.43 24.47
N THR A 14 -6.09 -14.19 24.51
CA THR A 14 -6.20 -15.45 23.77
C THR A 14 -6.68 -15.12 22.36
N ALA A 15 -6.43 -16.02 21.41
CA ALA A 15 -6.86 -15.80 20.02
C ALA A 15 -8.36 -15.44 19.89
N ASP A 16 -9.20 -15.99 20.77
CA ASP A 16 -10.64 -15.73 20.72
C ASP A 16 -11.10 -14.57 21.58
N GLN A 17 -10.40 -14.29 22.68
CA GLN A 17 -10.65 -13.08 23.46
C GLN A 17 -10.32 -11.89 22.59
N MET A 18 -9.58 -12.15 21.51
CA MET A 18 -9.17 -11.10 20.60
C MET A 18 -10.27 -10.80 19.62
N VAL A 19 -10.62 -11.79 18.79
CA VAL A 19 -11.63 -11.61 17.78
C VAL A 19 -12.93 -11.12 18.39
N SER A 20 -13.14 -11.44 19.67
CA SER A 20 -14.38 -11.07 20.34
C SER A 20 -14.26 -9.67 20.91
N ALA A 21 -13.01 -9.27 21.14
CA ALA A 21 -12.72 -7.91 21.61
C ALA A 21 -12.93 -6.95 20.46
N LEU A 22 -12.51 -7.38 19.28
CA LEU A 22 -12.54 -6.54 18.11
C LEU A 22 -13.93 -6.52 17.54
N LEU A 23 -14.63 -7.65 17.64
CA LEU A 23 -16.01 -7.69 17.18
C LEU A 23 -16.82 -6.73 18.02
N ASP A 24 -16.35 -6.57 19.27
CA ASP A 24 -17.07 -5.86 20.32
C ASP A 24 -16.95 -4.35 20.15
N ALA A 25 -15.79 -3.92 19.63
CA ALA A 25 -15.48 -2.52 19.36
C ALA A 25 -16.12 -1.96 18.10
N GLU A 26 -16.61 -2.82 17.21
CA GLU A 26 -17.18 -2.40 15.94
C GLU A 26 -18.03 -1.12 16.02
N PRO A 27 -17.72 -0.13 15.17
CA PRO A 27 -18.58 1.07 15.15
C PRO A 27 -20.01 0.78 14.67
N PRO A 28 -20.99 1.61 15.05
CA PRO A 28 -22.35 1.54 14.51
C PRO A 28 -22.39 1.98 13.05
N ILE A 29 -23.42 1.58 12.31
CA ILE A 29 -23.50 1.97 10.89
C ILE A 29 -24.34 3.24 10.68
N LEU A 30 -23.61 4.36 10.54
CA LEU A 30 -24.21 5.69 10.47
C LEU A 30 -25.13 5.86 9.26
N TYR A 31 -25.97 6.89 9.34
CA TYR A 31 -27.01 7.07 8.35
C TYR A 31 -26.75 8.35 7.63
N SER A 32 -27.24 8.46 6.41
CA SER A 32 -27.19 9.71 5.71
C SER A 32 -28.41 10.51 6.14
N GLU A 33 -28.27 11.84 6.12
CA GLU A 33 -29.37 12.77 6.36
C GLU A 33 -29.92 13.30 5.02
N TYR A 34 -29.33 12.80 3.93
CA TYR A 34 -29.86 12.95 2.58
C TYR A 34 -31.38 12.83 2.50
N ASP A 35 -31.95 13.51 1.51
CA ASP A 35 -33.38 13.46 1.21
C ASP A 35 -33.64 12.82 -0.16
N PRO A 39 -32.74 17.43 -7.09
CA PRO A 39 -31.56 17.24 -7.93
C PRO A 39 -30.27 17.02 -7.13
N PHE A 40 -29.48 16.06 -7.62
CA PHE A 40 -28.14 15.71 -7.10
C PHE A 40 -27.12 16.75 -7.60
N SER A 41 -26.62 17.65 -6.74
CA SER A 41 -25.45 18.44 -7.15
C SER A 41 -24.17 17.70 -6.75
N GLU A 42 -23.04 18.13 -7.30
CA GLU A 42 -21.75 17.55 -6.94
C GLU A 42 -21.29 18.13 -5.60
N ALA A 43 -21.65 19.37 -5.34
CA ALA A 43 -21.41 19.98 -4.03
C ALA A 43 -22.50 19.50 -3.07
N SER A 44 -23.66 19.14 -3.64
CA SER A 44 -24.76 18.57 -2.88
C SER A 44 -24.33 17.23 -2.33
N MET A 45 -23.84 16.36 -3.19
CA MET A 45 -23.58 14.99 -2.77
C MET A 45 -22.27 14.87 -1.99
N MET A 46 -21.26 15.67 -2.36
CA MET A 46 -20.00 15.66 -1.62
C MET A 46 -20.19 16.39 -0.30
N GLY A 47 -21.21 17.22 -0.25
CA GLY A 47 -21.66 17.69 1.04
C GLY A 47 -22.04 16.45 1.80
N LEU A 48 -22.79 15.60 1.12
CA LEU A 48 -23.35 14.42 1.75
C LEU A 48 -22.29 13.49 2.31
N LEU A 49 -21.36 13.11 1.45
CA LEU A 49 -20.32 12.12 1.77
C LEU A 49 -19.33 12.62 2.81
N THR A 50 -19.14 13.93 2.88
CA THR A 50 -18.20 14.53 3.82
C THR A 50 -18.75 14.77 5.21
N ASN A 51 -20.05 15.06 5.31
CA ASN A 51 -20.71 15.19 6.61
C ASN A 51 -20.96 13.80 7.17
N LEU A 52 -21.06 12.82 6.27
CA LEU A 52 -21.14 11.43 6.67
C LEU A 52 -19.80 11.01 7.23
N ALA A 53 -18.75 11.26 6.47
CA ALA A 53 -17.41 10.87 6.91
C ALA A 53 -17.01 11.58 8.22
N ASP A 54 -17.42 12.83 8.39
CA ASP A 54 -17.09 13.58 9.60
C ASP A 54 -17.78 12.99 10.83
N ARG A 55 -19.00 12.51 10.65
CA ARG A 55 -19.66 11.82 11.74
C ARG A 55 -18.87 10.55 12.00
N GLU A 56 -18.71 9.75 10.96
CA GLU A 56 -17.92 8.53 11.00
C GLU A 56 -16.64 8.61 11.83
N LEU A 57 -15.96 9.75 11.81
CA LEU A 57 -14.61 9.85 12.36
C LEU A 57 -14.56 9.79 13.88
N VAL A 58 -15.57 10.36 14.50
CA VAL A 58 -15.67 10.42 15.97
C VAL A 58 -16.04 9.07 16.57
N HIS A 59 -16.72 8.25 15.78
CA HIS A 59 -17.03 6.89 16.16
C HIS A 59 -15.78 6.06 16.01
N MET A 60 -15.02 6.32 14.95
CA MET A 60 -13.79 5.60 14.69
C MET A 60 -12.78 5.77 15.81
N ILE A 61 -12.79 6.95 16.44
CA ILE A 61 -11.83 7.25 17.49
C ILE A 61 -12.06 6.46 18.78
N ASN A 62 -13.32 6.26 19.12
CA ASN A 62 -13.71 5.40 20.22
C ASN A 62 -13.33 3.95 19.90
N TRP A 63 -13.48 3.55 18.65
CA TRP A 63 -13.21 2.17 18.24
C TRP A 63 -11.72 1.92 18.13
N ALA A 64 -10.99 3.01 17.92
CA ALA A 64 -9.57 2.94 17.98
C ALA A 64 -9.18 2.68 19.43
N LYS A 65 -9.65 3.51 20.35
CA LYS A 65 -9.30 3.34 21.74
C LYS A 65 -9.51 1.88 22.17
N ARG A 66 -10.53 1.24 21.56
CA ARG A 66 -11.02 -0.10 21.94
C ARG A 66 -10.44 -1.27 21.14
N VAL A 67 -9.43 -0.98 20.32
CA VAL A 67 -8.62 -2.02 19.67
C VAL A 67 -7.51 -2.35 20.65
N PRO A 68 -7.49 -3.60 21.14
CA PRO A 68 -6.55 -4.02 22.19
C PRO A 68 -5.11 -3.63 21.83
N GLY A 69 -4.43 -2.95 22.75
CA GLY A 69 -3.04 -2.56 22.58
C GLY A 69 -2.88 -1.11 22.15
N PHE A 70 -4.00 -0.50 21.75
CA PHE A 70 -3.98 0.85 21.18
C PHE A 70 -3.84 1.96 22.20
N VAL A 71 -4.44 1.81 23.38
CA VAL A 71 -4.34 2.86 24.39
C VAL A 71 -3.08 2.72 25.24
N ASP A 72 -2.33 1.64 25.01
CA ASP A 72 -1.00 1.52 25.59
C ASP A 72 -0.04 2.52 24.94
N LEU A 73 -0.36 2.93 23.71
CA LEU A 73 0.45 3.88 22.92
C LEU A 73 0.36 5.31 23.42
N THR A 74 1.44 6.08 23.25
CA THR A 74 1.43 7.47 23.67
C THR A 74 0.39 8.25 22.88
N LEU A 75 -0.01 9.39 23.42
CA LEU A 75 -1.12 10.13 22.86
C LEU A 75 -0.74 10.69 21.50
N HIS A 76 0.53 11.06 21.35
CA HIS A 76 1.02 11.58 20.07
C HIS A 76 1.15 10.49 19.03
N ASP A 77 1.42 9.28 19.49
CA ASP A 77 1.49 8.12 18.61
C ASP A 77 0.11 7.68 18.16
N GLN A 78 -0.90 7.88 19.00
CA GLN A 78 -2.25 7.50 18.60
C GLN A 78 -2.75 8.48 17.55
N VAL A 79 -2.43 9.75 17.74
CA VAL A 79 -2.86 10.83 16.86
C VAL A 79 -2.49 10.51 15.43
N HIS A 80 -1.20 10.23 15.25
CA HIS A 80 -0.55 10.02 13.96
C HIS A 80 -0.99 8.76 13.26
N LEU A 81 -1.04 7.67 14.01
CA LEU A 81 -1.65 6.45 13.51
C LEU A 81 -3.02 6.72 12.90
N LEU A 82 -3.75 7.70 13.45
CA LEU A 82 -5.14 7.89 13.07
C LEU A 82 -5.37 8.88 11.94
N GLU A 83 -4.55 9.92 11.88
CA GLU A 83 -4.53 10.83 10.74
C GLU A 83 -3.80 10.21 9.55
N CYS A 84 -3.02 9.18 9.81
CA CYS A 84 -2.45 8.41 8.73
C CYS A 84 -3.41 7.33 8.23
N ALA A 85 -4.19 6.77 9.14
CA ALA A 85 -5.01 5.60 8.84
C ALA A 85 -6.49 5.83 8.58
N TRP A 86 -6.98 7.07 8.73
CA TRP A 86 -8.40 7.34 8.73
C TRP A 86 -9.19 7.03 7.45
N LEU A 87 -8.71 7.46 6.29
CA LEU A 87 -9.47 7.29 5.07
C LEU A 87 -9.40 5.84 4.60
N GLU A 88 -8.31 5.16 4.95
CA GLU A 88 -8.15 3.74 4.66
C GLU A 88 -9.24 2.93 5.37
N ILE A 89 -9.36 3.17 6.67
CA ILE A 89 -10.37 2.57 7.52
C ILE A 89 -11.80 2.86 7.07
N LEU A 90 -12.07 4.10 6.67
CA LEU A 90 -13.38 4.47 6.15
C LEU A 90 -13.74 3.71 4.89
N MET A 91 -12.72 3.25 4.18
CA MET A 91 -12.91 2.65 2.87
C MET A 91 -13.08 1.16 2.99
N ILE A 92 -12.30 0.55 3.87
CA ILE A 92 -12.40 -0.88 4.07
C ILE A 92 -13.74 -1.18 4.72
N GLY A 93 -14.19 -0.27 5.58
CA GLY A 93 -15.51 -0.37 6.17
C GLY A 93 -16.58 -0.30 5.09
N LEU A 94 -16.52 0.73 4.28
CA LEU A 94 -17.48 0.90 3.18
C LEU A 94 -17.50 -0.29 2.21
N VAL A 95 -16.33 -0.90 2.02
CA VAL A 95 -16.12 -1.98 1.07
C VAL A 95 -16.72 -3.27 1.60
N TRP A 96 -16.64 -3.42 2.92
CA TRP A 96 -17.32 -4.47 3.61
C TRP A 96 -18.84 -4.27 3.54
N ARG A 97 -19.28 -3.04 3.77
CA ARG A 97 -20.68 -2.65 3.64
C ARG A 97 -21.30 -3.06 2.31
N SER A 98 -20.60 -2.77 1.22
CA SER A 98 -21.14 -2.95 -0.12
C SER A 98 -20.85 -4.32 -0.69
N MET A 99 -20.40 -5.21 0.18
CA MET A 99 -20.01 -6.56 -0.21
C MET A 99 -21.12 -7.34 -0.89
N GLU A 100 -22.27 -7.40 -0.23
CA GLU A 100 -23.45 -8.07 -0.76
C GLU A 100 -24.31 -7.13 -1.60
N HIS A 101 -23.67 -6.14 -2.20
CA HIS A 101 -24.35 -5.22 -3.11
C HIS A 101 -23.46 -4.98 -4.33
N PRO A 102 -23.46 -5.93 -5.30
CA PRO A 102 -22.55 -5.71 -6.42
C PRO A 102 -22.92 -4.44 -7.16
N GLY A 103 -21.96 -3.77 -7.78
CA GLY A 103 -22.21 -2.57 -8.56
C GLY A 103 -22.52 -1.28 -7.81
N LYS A 104 -22.81 -1.41 -6.52
CA LYS A 104 -23.26 -0.29 -5.69
C LYS A 104 -22.44 -0.11 -4.45
N LEU A 105 -22.28 1.15 -4.05
CA LEU A 105 -21.57 1.52 -2.83
C LEU A 105 -22.50 2.01 -1.70
N LEU A 106 -22.66 1.17 -0.69
CA LEU A 106 -23.52 1.51 0.43
C LEU A 106 -22.82 2.38 1.47
N PHE A 107 -22.81 3.68 1.23
CA PHE A 107 -22.23 4.59 2.20
C PHE A 107 -23.05 4.63 3.47
N ALA A 108 -24.34 4.91 3.31
CA ALA A 108 -25.29 4.77 4.40
C ALA A 108 -26.39 3.84 3.94
N PRO A 109 -27.19 3.32 4.90
CA PRO A 109 -28.30 2.44 4.52
C PRO A 109 -29.24 3.11 3.52
N ASN A 110 -29.45 4.42 3.63
CA ASN A 110 -30.21 5.16 2.62
C ASN A 110 -29.35 6.11 1.72
N LEU A 111 -28.20 5.61 1.29
CA LEU A 111 -27.36 6.35 0.34
C LEU A 111 -26.49 5.38 -0.44
N LEU A 112 -27.12 4.59 -1.29
CA LEU A 112 -26.40 3.56 -2.03
C LEU A 112 -26.13 3.98 -3.48
N LEU A 113 -24.91 4.47 -3.71
CA LEU A 113 -24.55 5.10 -5.00
C LEU A 113 -24.16 4.11 -6.07
N ASP A 114 -24.68 4.30 -7.27
CA ASP A 114 -24.28 3.42 -8.36
C ASP A 114 -22.90 3.82 -8.86
N ARG A 115 -22.24 2.90 -9.55
CA ARG A 115 -20.90 3.17 -10.08
C ARG A 115 -20.99 4.24 -11.15
N ASN A 116 -22.21 4.72 -11.39
CA ASN A 116 -22.44 5.78 -12.36
C ASN A 116 -22.66 7.16 -11.73
N GLN A 117 -23.31 7.18 -10.57
CA GLN A 117 -23.53 8.43 -9.82
C GLN A 117 -22.21 9.04 -9.30
N GLY A 118 -21.10 8.34 -9.49
CA GLY A 118 -19.80 8.84 -9.07
C GLY A 118 -19.20 9.74 -10.13
N LYS A 119 -19.89 9.78 -11.27
CA LYS A 119 -19.60 10.75 -12.33
C LYS A 119 -20.03 12.14 -11.88
N CYS A 120 -20.97 12.22 -10.94
CA CYS A 120 -21.50 13.49 -10.47
C CYS A 120 -20.48 14.42 -9.79
N VAL A 121 -19.27 13.92 -9.52
CA VAL A 121 -18.18 14.71 -8.94
C VAL A 121 -16.91 14.47 -9.75
N GLU A 122 -16.28 15.56 -10.20
CA GLU A 122 -15.22 15.50 -11.22
C GLU A 122 -14.04 14.61 -10.87
N GLY A 123 -14.03 13.40 -11.42
CA GLY A 123 -12.93 12.47 -11.20
C GLY A 123 -13.20 11.60 -9.98
N MET A 124 -14.41 11.69 -9.48
CA MET A 124 -14.81 10.84 -8.36
C MET A 124 -14.98 9.40 -8.82
N VAL A 125 -15.39 9.23 -10.08
CA VAL A 125 -15.75 7.91 -10.61
C VAL A 125 -14.58 6.93 -10.67
N GLU A 126 -13.39 7.44 -10.91
CA GLU A 126 -12.24 6.54 -10.90
C GLU A 126 -12.11 5.88 -9.53
N ILE A 127 -12.29 6.67 -8.48
CA ILE A 127 -12.20 6.16 -7.11
C ILE A 127 -13.34 5.19 -6.78
N PHE A 128 -14.57 5.58 -7.06
CA PHE A 128 -15.69 4.66 -6.98
C PHE A 128 -15.32 3.27 -7.48
N ASP A 129 -14.71 3.24 -8.65
CA ASP A 129 -14.41 2.00 -9.35
C ASP A 129 -13.38 1.16 -8.63
N MET A 130 -12.43 1.81 -7.99
CA MET A 130 -11.40 1.07 -7.28
C MET A 130 -12.01 0.44 -6.04
N LEU A 131 -12.90 1.19 -5.38
CA LEU A 131 -13.67 0.71 -4.25
C LEU A 131 -14.57 -0.44 -4.69
N LEU A 132 -15.21 -0.27 -5.84
CA LEU A 132 -16.06 -1.29 -6.42
C LEU A 132 -15.25 -2.53 -6.77
N ALA A 133 -14.15 -2.33 -7.47
CA ALA A 133 -13.23 -3.42 -7.71
C ALA A 133 -12.90 -4.15 -6.40
N THR A 134 -12.58 -3.38 -5.36
CA THR A 134 -12.14 -3.94 -4.07
C THR A 134 -13.19 -4.81 -3.34
N SER A 135 -14.44 -4.37 -3.32
CA SER A 135 -15.49 -5.15 -2.65
C SER A 135 -15.85 -6.36 -3.48
N SER A 136 -15.70 -6.21 -4.79
CA SER A 136 -15.87 -7.31 -5.71
C SER A 136 -14.81 -8.37 -5.39
N ARG A 137 -13.64 -7.93 -4.94
CA ARG A 137 -12.58 -8.85 -4.55
C ARG A 137 -12.98 -9.58 -3.27
N PHE A 138 -13.29 -8.80 -2.24
CA PHE A 138 -13.81 -9.32 -0.98
C PHE A 138 -14.90 -10.33 -1.24
N ARG A 139 -15.90 -9.92 -2.00
CA ARG A 139 -17.05 -10.77 -2.24
C ARG A 139 -16.64 -12.09 -2.82
N MET A 140 -15.74 -12.03 -3.80
CA MET A 140 -15.32 -13.22 -4.51
C MET A 140 -14.43 -14.15 -3.69
N MET A 141 -13.69 -13.58 -2.75
CA MET A 141 -12.95 -14.43 -1.82
C MET A 141 -13.75 -14.67 -0.53
N ASN A 142 -15.03 -14.29 -0.55
CA ASN A 142 -15.98 -14.54 0.54
C ASN A 142 -15.38 -14.19 1.90
N LEU A 143 -14.93 -12.95 2.02
CA LEU A 143 -14.28 -12.48 3.24
C LEU A 143 -15.25 -12.60 4.41
N GLN A 144 -14.74 -13.10 5.53
CA GLN A 144 -15.54 -13.33 6.73
C GLN A 144 -15.49 -12.09 7.61
N GLY A 145 -16.46 -11.95 8.52
CA GLY A 145 -16.57 -10.74 9.32
C GLY A 145 -15.54 -10.67 10.41
N GLU A 146 -15.03 -11.82 10.81
CA GLU A 146 -14.06 -11.89 11.91
C GLU A 146 -12.65 -11.65 11.39
N GLU A 147 -12.52 -11.74 10.08
CA GLU A 147 -11.28 -11.43 9.38
C GLU A 147 -11.29 -9.93 9.13
N PHE A 148 -12.42 -9.45 8.64
CA PHE A 148 -12.56 -8.03 8.36
C PHE A 148 -12.14 -7.14 9.53
N VAL A 149 -12.44 -7.56 10.75
CA VAL A 149 -12.15 -6.75 11.93
C VAL A 149 -10.68 -6.79 12.22
N CYS A 150 -10.02 -7.83 11.73
CA CYS A 150 -8.58 -8.02 11.92
C CYS A 150 -7.84 -7.17 10.93
N LEU A 151 -8.22 -7.35 9.68
CA LEU A 151 -7.88 -6.43 8.61
C LEU A 151 -7.96 -4.98 9.07
N LYS A 152 -9.11 -4.62 9.61
CA LYS A 152 -9.38 -3.24 9.99
C LYS A 152 -8.43 -2.77 11.09
N SER A 153 -7.90 -3.70 11.87
CA SER A 153 -7.06 -3.37 13.03
C SER A 153 -5.62 -3.24 12.61
N ILE A 154 -5.22 -4.13 11.69
CA ILE A 154 -3.92 -4.05 11.08
C ILE A 154 -3.74 -2.68 10.45
N ILE A 155 -4.71 -2.31 9.62
CA ILE A 155 -4.66 -1.04 8.93
C ILE A 155 -4.37 0.17 9.80
N LEU A 156 -4.94 0.20 10.99
CA LEU A 156 -4.73 1.30 11.89
C LEU A 156 -3.34 1.24 12.44
N LEU A 157 -2.83 0.03 12.61
CA LEU A 157 -1.55 -0.15 13.31
C LEU A 157 -0.37 -0.14 12.34
N ASN A 158 -0.58 -0.60 11.12
CA ASN A 158 0.48 -0.71 10.14
C ASN A 158 0.74 0.55 9.37
N SER A 159 -0.27 1.40 9.25
CA SER A 159 -0.26 2.45 8.26
C SER A 159 0.73 3.56 8.59
N GLY A 160 0.84 3.89 9.87
CA GLY A 160 1.65 5.01 10.26
C GLY A 160 2.87 4.62 11.08
N VAL A 161 3.10 3.32 11.29
CA VAL A 161 4.19 2.85 12.19
C VAL A 161 5.65 3.00 11.67
N TYR A 162 5.91 3.15 10.38
CA TYR A 162 7.31 3.37 10.00
C TYR A 162 7.57 4.83 9.73
N THR A 163 6.56 5.66 10.00
CA THR A 163 6.78 7.10 9.99
C THR A 163 7.11 7.59 11.40
N PHE A 164 7.52 6.67 12.29
CA PHE A 164 8.02 7.07 13.60
C PHE A 164 9.47 7.52 13.51
N LEU A 165 9.72 8.76 13.93
CA LEU A 165 11.07 9.33 14.00
C LEU A 165 11.04 10.85 14.19
N THR A 168 14.55 7.66 19.38
CA THR A 168 15.16 7.36 20.67
C THR A 168 15.03 5.87 21.02
N LEU A 169 15.44 5.51 22.25
CA LEU A 169 15.39 4.13 22.75
C LEU A 169 13.96 3.73 23.11
N LYS A 170 13.24 4.66 23.70
CA LYS A 170 11.89 4.41 24.19
C LYS A 170 10.89 4.44 23.03
N SER A 171 11.15 5.30 22.05
CA SER A 171 10.24 5.43 20.91
C SER A 171 10.42 4.21 20.02
N LEU A 172 11.58 3.56 20.18
CA LEU A 172 11.85 2.30 19.48
C LEU A 172 11.03 1.12 20.03
N GLU A 173 10.88 1.07 21.35
CA GLU A 173 10.08 0.02 22.00
C GLU A 173 8.58 0.10 21.71
N GLU A 174 8.12 1.29 21.32
CA GLU A 174 6.78 1.49 20.83
C GLU A 174 6.62 0.72 19.53
N LYS A 175 7.48 1.03 18.56
CA LYS A 175 7.52 0.33 17.29
C LYS A 175 7.45 -1.18 17.46
N ASP A 176 8.23 -1.69 18.41
CA ASP A 176 8.30 -3.13 18.65
C ASP A 176 7.10 -3.63 19.45
N HIS A 177 6.59 -2.77 20.33
CA HIS A 177 5.35 -3.07 20.98
C HIS A 177 4.34 -3.33 19.88
N ILE A 178 4.09 -2.31 19.06
CA ILE A 178 3.01 -2.37 18.09
C ILE A 178 3.23 -3.44 17.02
N HIS A 179 4.48 -3.83 16.84
CA HIS A 179 4.86 -4.93 15.95
C HIS A 179 4.53 -6.25 16.61
N ARG A 180 4.48 -6.20 17.95
CA ARG A 180 4.17 -7.37 18.76
C ARG A 180 2.70 -7.71 18.67
N VAL A 181 1.87 -6.69 18.81
CA VAL A 181 0.43 -6.86 18.67
C VAL A 181 0.06 -7.19 17.23
N LEU A 182 0.71 -6.53 16.27
CA LEU A 182 0.52 -6.83 14.86
C LEU A 182 0.79 -8.31 14.51
N ASP A 183 1.74 -8.92 15.22
CA ASP A 183 2.03 -10.35 15.06
C ASP A 183 0.97 -11.18 15.77
N LYS A 184 0.39 -10.63 16.84
CA LYS A 184 -0.74 -11.29 17.46
C LYS A 184 -1.97 -11.31 16.56
N ILE A 185 -2.21 -10.22 15.84
CA ILE A 185 -3.38 -10.16 14.96
C ILE A 185 -3.20 -11.07 13.76
N THR A 186 -1.95 -11.38 13.43
CA THR A 186 -1.63 -12.38 12.42
C THR A 186 -2.04 -13.76 12.94
N ASP A 187 -1.64 -14.05 14.18
CA ASP A 187 -1.93 -15.34 14.80
C ASP A 187 -3.44 -15.53 14.93
N THR A 188 -4.15 -14.43 15.16
CA THR A 188 -5.60 -14.43 15.25
C THR A 188 -6.18 -14.75 13.88
N LEU A 189 -5.78 -13.99 12.88
CA LEU A 189 -6.21 -14.22 11.51
C LEU A 189 -6.01 -15.68 11.08
N ILE A 190 -4.89 -16.25 11.47
CA ILE A 190 -4.52 -17.59 11.06
C ILE A 190 -5.23 -18.66 11.90
N HIS A 191 -5.41 -18.38 13.19
CA HIS A 191 -6.28 -19.23 14.02
C HIS A 191 -7.65 -19.40 13.35
N LEU A 192 -8.28 -18.29 13.02
CA LEU A 192 -9.56 -18.30 12.32
C LEU A 192 -9.60 -19.24 11.11
N MET A 193 -8.50 -19.29 10.37
CA MET A 193 -8.47 -20.04 9.13
C MET A 193 -8.21 -21.51 9.42
N ALA A 194 -7.52 -21.77 10.52
CA ALA A 194 -7.32 -23.13 10.96
C ALA A 194 -8.67 -23.65 11.33
N LYS A 195 -9.40 -22.83 12.08
CA LYS A 195 -10.73 -23.17 12.58
C LYS A 195 -11.74 -23.46 11.46
N ALA A 196 -11.66 -22.73 10.36
CA ALA A 196 -12.60 -22.98 9.27
C ALA A 196 -12.21 -24.21 8.49
N GLY A 197 -11.08 -24.82 8.85
CA GLY A 197 -10.66 -26.07 8.24
C GLY A 197 -9.79 -25.94 7.02
N LEU A 198 -9.06 -24.82 6.93
CA LEU A 198 -8.14 -24.60 5.82
C LEU A 198 -6.83 -25.29 6.11
N THR A 199 -6.28 -25.91 5.09
CA THR A 199 -5.02 -26.59 5.22
C THR A 199 -3.98 -25.51 5.45
N LEU A 200 -2.81 -25.88 5.96
CA LEU A 200 -1.72 -24.91 6.08
C LEU A 200 -1.55 -24.08 4.83
N GLN A 201 -1.40 -24.74 3.70
CA GLN A 201 -1.15 -24.07 2.42
C GLN A 201 -2.22 -23.03 2.10
N GLN A 202 -3.48 -23.44 2.23
CA GLN A 202 -4.65 -22.56 2.10
C GLN A 202 -4.67 -21.44 3.12
N GLN A 203 -4.10 -21.69 4.29
CA GLN A 203 -3.89 -20.66 5.30
C GLN A 203 -2.90 -19.58 4.88
N HIS A 204 -1.66 -19.97 4.62
CA HIS A 204 -0.65 -19.02 4.21
C HIS A 204 -1.15 -18.27 3.01
N GLN A 205 -1.69 -19.00 2.05
CA GLN A 205 -1.99 -18.38 0.78
C GLN A 205 -3.09 -17.32 0.90
N ARG A 206 -4.09 -17.58 1.74
CA ARG A 206 -5.17 -16.65 1.96
C ARG A 206 -4.75 -15.50 2.87
N LEU A 207 -3.90 -15.79 3.83
CA LEU A 207 -3.31 -14.76 4.66
C LEU A 207 -2.80 -13.68 3.74
N ALA A 208 -1.97 -14.13 2.80
CA ALA A 208 -1.34 -13.25 1.82
C ALA A 208 -2.38 -12.49 1.00
N GLN A 209 -3.31 -13.22 0.40
CA GLN A 209 -4.40 -12.61 -0.37
C GLN A 209 -5.03 -11.44 0.35
N LEU A 210 -5.30 -11.62 1.64
CA LEU A 210 -5.90 -10.58 2.47
C LEU A 210 -4.96 -9.39 2.65
N LEU A 211 -3.70 -9.68 2.98
CA LEU A 211 -2.67 -8.66 3.17
C LEU A 211 -2.26 -7.95 1.87
N LEU A 212 -2.46 -8.60 0.74
CA LEU A 212 -2.07 -8.03 -0.53
C LEU A 212 -3.13 -7.06 -1.04
N ILE A 213 -4.31 -7.11 -0.45
CA ILE A 213 -5.36 -6.19 -0.86
C ILE A 213 -5.29 -4.94 -0.01
N LEU A 214 -4.55 -5.00 1.08
CA LEU A 214 -4.42 -3.88 1.99
C LEU A 214 -3.58 -2.78 1.38
N SER A 215 -2.76 -3.17 0.41
CA SER A 215 -1.96 -2.25 -0.39
C SER A 215 -2.88 -1.52 -1.37
N HIS A 216 -3.85 -2.23 -1.92
CA HIS A 216 -4.87 -1.62 -2.76
C HIS A 216 -5.61 -0.55 -1.98
N ILE A 217 -5.99 -0.88 -0.73
CA ILE A 217 -6.70 0.03 0.16
C ILE A 217 -5.88 1.29 0.37
N ARG A 218 -4.59 1.10 0.61
CA ARG A 218 -3.67 2.19 0.80
C ARG A 218 -3.51 3.02 -0.48
N HIS A 219 -3.61 2.37 -1.64
CA HIS A 219 -3.53 3.08 -2.89
C HIS A 219 -4.69 4.05 -2.99
N MET A 220 -5.89 3.50 -2.98
CA MET A 220 -7.11 4.28 -2.89
C MET A 220 -7.08 5.37 -1.82
N SER A 221 -6.54 5.08 -0.63
CA SER A 221 -6.54 6.12 0.39
C SER A 221 -5.76 7.31 -0.07
N ASN A 222 -4.59 7.02 -0.66
CA ASN A 222 -3.68 8.01 -1.22
C ASN A 222 -4.35 8.88 -2.27
N LYS A 223 -4.98 8.20 -3.21
CA LYS A 223 -5.74 8.79 -4.31
C LYS A 223 -6.98 9.57 -3.87
N GLY A 224 -7.67 9.07 -2.86
CA GLY A 224 -8.87 9.73 -2.37
C GLY A 224 -8.52 10.99 -1.59
N MET A 225 -7.29 11.02 -1.07
CA MET A 225 -6.78 12.14 -0.31
C MET A 225 -6.37 13.33 -1.18
N GLU A 226 -6.10 13.10 -2.45
CA GLU A 226 -5.75 14.23 -3.32
C GLU A 226 -7.00 14.71 -4.03
N HIS A 227 -7.97 13.82 -4.17
CA HIS A 227 -9.28 14.26 -4.65
C HIS A 227 -9.93 15.09 -3.56
N LEU A 228 -9.98 14.52 -2.37
CA LEU A 228 -10.52 15.23 -1.25
C LEU A 228 -9.90 16.62 -1.16
N TYR A 229 -8.59 16.72 -1.40
CA TYR A 229 -7.86 17.99 -1.29
C TYR A 229 -8.16 19.01 -2.40
N SER A 230 -8.40 18.52 -3.61
CA SER A 230 -8.69 19.35 -4.77
C SER A 230 -10.12 19.81 -4.62
N MET A 231 -10.92 18.95 -4.02
CA MET A 231 -12.27 19.37 -3.71
C MET A 231 -12.29 20.58 -2.75
N LYS A 232 -11.66 20.49 -1.58
CA LYS A 232 -11.64 21.65 -0.69
C LYS A 232 -11.10 22.92 -1.34
N CYS A 233 -10.10 22.78 -2.20
CA CYS A 233 -9.44 23.99 -2.72
C CYS A 233 -10.35 24.86 -3.65
N LYS A 234 -11.07 24.22 -4.59
CA LYS A 234 -12.18 24.89 -5.31
C LYS A 234 -13.50 24.95 -4.52
N ASN A 235 -13.40 24.77 -3.21
CA ASN A 235 -14.49 25.09 -2.29
C ASN A 235 -15.91 24.73 -2.72
N VAL A 236 -16.15 23.45 -2.97
CA VAL A 236 -17.44 23.07 -3.52
C VAL A 236 -18.43 22.79 -2.36
N VAL A 237 -17.86 22.40 -1.21
CA VAL A 237 -18.62 22.18 0.02
C VAL A 237 -17.75 22.44 1.27
N PRO A 238 -18.35 23.03 2.33
CA PRO A 238 -17.58 23.31 3.54
C PRO A 238 -17.19 22.04 4.34
N LEU A 239 -15.90 21.85 4.64
CA LEU A 239 -15.50 20.71 5.49
C LEU A 239 -15.58 21.00 6.99
N SER A 240 -15.99 20.00 7.75
CA SER A 240 -15.94 20.13 9.19
C SER A 240 -14.53 20.53 9.57
N ASP A 241 -14.33 20.77 10.86
CA ASP A 241 -13.03 21.19 11.34
C ASP A 241 -12.14 19.99 11.55
N LEU A 242 -12.75 18.89 11.98
CA LEU A 242 -12.05 17.63 12.20
C LEU A 242 -11.59 17.11 10.86
N LEU A 243 -12.45 17.27 9.85
CA LEU A 243 -12.24 16.75 8.53
C LEU A 243 -11.07 17.51 7.91
N LEU A 244 -11.07 18.82 8.11
CA LEU A 244 -9.95 19.69 7.71
C LEU A 244 -8.64 19.20 8.28
N GLU A 245 -8.64 18.99 9.59
CA GLU A 245 -7.47 18.54 10.31
C GLU A 245 -7.02 17.21 9.73
N MET A 246 -7.97 16.30 9.56
CA MET A 246 -7.61 14.98 9.08
C MET A 246 -6.88 15.13 7.77
N LEU A 247 -7.38 16.01 6.92
CA LEU A 247 -6.79 16.23 5.58
C LEU A 247 -5.44 16.96 5.57
N ASP A 248 -5.36 18.06 6.31
CA ASP A 248 -4.13 18.83 6.42
C ASP A 248 -2.93 18.03 6.94
N ALA A 249 -3.19 16.92 7.62
CA ALA A 249 -2.12 16.15 8.24
C ALA A 249 -1.33 15.40 7.20
N HIS A 250 -1.98 15.13 6.06
CA HIS A 250 -1.34 14.44 4.95
C HIS A 250 -0.50 15.38 4.10
N ARG A 251 -0.67 16.67 4.35
CA ARG A 251 0.07 17.69 3.63
C ARG A 251 0.59 18.70 4.64
N ASN B 7 -2.17 -22.62 -20.25
CA ASN B 7 -0.74 -22.58 -19.97
C ASN B 7 -0.41 -22.94 -18.53
N SER B 8 0.87 -23.24 -18.28
CA SER B 8 1.31 -23.73 -16.98
C SER B 8 2.82 -23.61 -16.72
N LEU B 9 3.59 -23.12 -17.70
CA LEU B 9 5.03 -23.04 -17.52
C LEU B 9 5.26 -22.52 -16.12
N ALA B 10 4.66 -21.38 -15.82
CA ALA B 10 4.86 -20.77 -14.52
C ALA B 10 4.31 -21.67 -13.41
N LEU B 11 3.09 -22.17 -13.57
CA LEU B 11 2.37 -22.88 -12.50
C LEU B 11 3.00 -24.22 -12.10
N SER B 12 3.61 -24.89 -13.08
CA SER B 12 4.25 -26.16 -12.87
C SER B 12 5.71 -26.02 -12.42
N LEU B 13 5.96 -25.06 -11.54
CA LEU B 13 7.29 -24.73 -11.08
C LEU B 13 7.57 -25.24 -9.68
N THR B 14 8.80 -25.65 -9.41
CA THR B 14 9.15 -25.97 -8.05
C THR B 14 9.34 -24.64 -7.35
N ALA B 15 9.34 -24.67 -6.03
CA ALA B 15 9.65 -23.48 -5.24
C ALA B 15 11.04 -23.02 -5.67
N ASP B 16 11.96 -23.98 -5.75
CA ASP B 16 13.37 -23.70 -6.02
C ASP B 16 13.63 -23.37 -7.48
N GLN B 17 12.88 -23.99 -8.38
CA GLN B 17 12.95 -23.58 -9.76
C GLN B 17 12.48 -22.13 -9.83
N MET B 18 11.54 -21.79 -8.95
CA MET B 18 10.94 -20.45 -8.91
C MET B 18 11.99 -19.41 -8.55
N VAL B 19 12.54 -19.52 -7.35
CA VAL B 19 13.52 -18.55 -6.86
C VAL B 19 14.79 -18.52 -7.72
N SER B 20 15.09 -19.65 -8.36
CA SER B 20 16.18 -19.67 -9.33
C SER B 20 15.90 -18.73 -10.49
N ALA B 21 14.77 -18.97 -11.16
CA ALA B 21 14.29 -18.12 -12.24
C ALA B 21 14.25 -16.63 -11.90
N LEU B 22 13.81 -16.29 -10.69
CA LEU B 22 13.73 -14.90 -10.26
C LEU B 22 15.12 -14.31 -10.09
N LEU B 23 16.03 -15.10 -9.54
CA LEU B 23 17.37 -14.65 -9.23
C LEU B 23 18.18 -14.21 -10.44
N ASP B 24 17.99 -14.90 -11.55
CA ASP B 24 18.83 -14.65 -12.69
C ASP B 24 18.16 -13.69 -13.65
N ALA B 25 16.88 -13.42 -13.39
CA ALA B 25 16.18 -12.39 -14.12
C ALA B 25 16.57 -11.03 -13.59
N GLU B 26 17.24 -11.01 -12.44
CA GLU B 26 17.68 -9.76 -11.82
C GLU B 26 18.33 -8.78 -12.80
N PRO B 27 17.89 -7.51 -12.76
CA PRO B 27 18.52 -6.48 -13.59
C PRO B 27 19.86 -6.05 -12.99
N PRO B 28 20.74 -5.43 -13.80
CA PRO B 28 22.03 -4.96 -13.31
C PRO B 28 21.92 -3.64 -12.58
N ILE B 29 22.78 -3.44 -11.58
CA ILE B 29 22.92 -2.13 -10.95
C ILE B 29 23.64 -1.18 -11.91
N LEU B 30 22.92 -0.15 -12.35
CA LEU B 30 23.44 0.86 -13.29
C LEU B 30 24.27 1.90 -12.55
N TYR B 31 24.98 2.76 -13.27
CA TYR B 31 25.71 3.88 -12.65
C TYR B 31 25.08 5.25 -12.94
N SER B 32 25.52 6.27 -12.21
CA SER B 32 25.01 7.62 -12.44
C SER B 32 25.89 8.46 -13.35
N GLU B 33 25.23 9.28 -14.16
CA GLU B 33 25.88 10.23 -15.03
C GLU B 33 26.41 11.40 -14.22
N TYR B 34 26.53 11.19 -12.90
CA TYR B 34 27.01 12.16 -11.93
C TYR B 34 28.46 12.58 -12.19
N ASP B 35 28.61 13.88 -12.48
CA ASP B 35 29.92 14.52 -12.65
C ASP B 35 30.18 15.50 -11.50
N PRO B 36 30.96 15.04 -10.51
CA PRO B 36 31.22 15.73 -9.23
C PRO B 36 31.95 17.07 -9.34
N THR B 37 32.62 17.34 -10.45
CA THR B 37 33.27 18.63 -10.64
C THR B 37 32.23 19.62 -11.18
N ARG B 38 31.03 19.54 -10.60
CA ARG B 38 30.02 20.56 -10.81
C ARG B 38 29.08 20.70 -9.61
N PRO B 39 28.48 21.90 -9.42
CA PRO B 39 27.60 22.17 -8.27
C PRO B 39 26.24 21.46 -8.32
N PHE B 40 25.75 21.09 -7.13
CA PHE B 40 24.56 20.27 -6.95
C PHE B 40 23.31 21.17 -6.96
N SER B 41 22.52 21.06 -8.02
CA SER B 41 21.25 21.79 -8.11
C SER B 41 20.06 20.91 -7.80
N GLU B 42 18.91 21.56 -7.61
CA GLU B 42 17.63 20.88 -7.53
C GLU B 42 17.34 20.32 -8.90
N ALA B 43 17.70 21.10 -9.91
CA ALA B 43 17.52 20.71 -11.31
C ALA B 43 18.62 19.73 -11.75
N SER B 44 19.82 19.88 -11.20
CA SER B 44 20.92 18.98 -11.50
C SER B 44 20.58 17.56 -11.04
N MET B 45 20.30 17.42 -9.75
CA MET B 45 20.09 16.11 -9.13
C MET B 45 18.72 15.53 -9.41
N MET B 46 17.78 16.36 -9.82
CA MET B 46 16.50 15.81 -10.24
C MET B 46 16.70 15.21 -11.61
N GLY B 47 17.61 15.83 -12.37
CA GLY B 47 17.95 15.40 -13.73
C GLY B 47 18.76 14.14 -13.71
N LEU B 48 19.67 14.04 -12.75
CA LEU B 48 20.45 12.85 -12.55
C LEU B 48 19.60 11.61 -12.28
N LEU B 49 18.71 11.74 -11.28
CA LEU B 49 17.80 10.70 -10.81
C LEU B 49 16.84 10.21 -11.88
N THR B 50 16.18 11.14 -12.55
CA THR B 50 15.29 10.78 -13.67
C THR B 50 16.02 10.11 -14.87
N ASN B 51 17.19 10.63 -15.25
CA ASN B 51 18.10 9.99 -16.19
C ASN B 51 18.34 8.54 -15.80
N LEU B 52 18.93 8.36 -14.62
CA LEU B 52 19.12 7.06 -13.98
C LEU B 52 17.88 6.19 -14.01
N ALA B 53 16.76 6.78 -13.64
CA ALA B 53 15.50 6.07 -13.59
C ALA B 53 15.05 5.60 -14.97
N ASP B 54 15.01 6.52 -15.93
CA ASP B 54 14.68 6.19 -17.31
C ASP B 54 15.46 4.99 -17.86
N ARG B 55 16.75 4.93 -17.54
CA ARG B 55 17.61 3.86 -18.02
C ARG B 55 17.33 2.56 -17.27
N GLU B 56 16.75 2.69 -16.08
CA GLU B 56 16.48 1.55 -15.22
C GLU B 56 15.17 0.90 -15.58
N LEU B 57 14.28 1.68 -16.16
CA LEU B 57 12.99 1.18 -16.59
C LEU B 57 13.10 0.15 -17.71
N VAL B 58 14.13 0.31 -18.53
CA VAL B 58 14.33 -0.53 -19.72
C VAL B 58 14.84 -1.91 -19.33
N HIS B 59 15.58 -1.98 -18.23
CA HIS B 59 16.02 -3.26 -17.72
C HIS B 59 14.91 -3.94 -16.93
N MET B 60 14.16 -3.14 -16.19
CA MET B 60 12.97 -3.60 -15.52
C MET B 60 12.00 -4.28 -16.48
N ILE B 61 11.85 -3.72 -17.68
CA ILE B 61 10.92 -4.29 -18.66
C ILE B 61 11.37 -5.65 -19.17
N ASN B 62 12.67 -5.90 -19.07
CA ASN B 62 13.23 -7.17 -19.50
C ASN B 62 13.09 -8.18 -18.38
N TRP B 63 13.29 -7.69 -17.15
CA TRP B 63 13.12 -8.47 -15.95
C TRP B 63 11.68 -8.95 -15.83
N ALA B 64 10.75 -8.03 -16.07
CA ALA B 64 9.33 -8.34 -16.02
C ALA B 64 9.00 -9.53 -16.93
N LYS B 65 9.29 -9.40 -18.21
CA LYS B 65 9.10 -10.49 -19.15
C LYS B 65 9.79 -11.78 -18.69
N ARG B 66 10.81 -11.66 -17.86
CA ARG B 66 11.51 -12.85 -17.35
C ARG B 66 10.86 -13.41 -16.07
N VAL B 67 9.81 -12.75 -15.60
CA VAL B 67 9.05 -13.20 -14.43
C VAL B 67 7.98 -14.22 -14.85
N PRO B 68 8.02 -15.43 -14.26
CA PRO B 68 7.08 -16.48 -14.63
C PRO B 68 5.62 -16.02 -14.52
N GLY B 69 4.82 -16.33 -15.52
CA GLY B 69 3.43 -15.89 -15.54
C GLY B 69 3.25 -14.63 -16.37
N PHE B 70 4.19 -13.70 -16.21
CA PHE B 70 4.06 -12.35 -16.79
C PHE B 70 3.79 -12.32 -18.30
N VAL B 71 4.60 -13.06 -19.05
CA VAL B 71 4.53 -13.01 -20.51
C VAL B 71 3.24 -13.61 -21.07
N ASP B 72 2.48 -14.24 -20.17
CA ASP B 72 1.20 -14.85 -20.50
C ASP B 72 0.07 -13.83 -20.49
N LEU B 73 0.37 -12.56 -20.17
CA LEU B 73 -0.65 -11.52 -20.19
C LEU B 73 -0.63 -10.83 -21.54
N THR B 74 -1.74 -10.30 -22.01
CA THR B 74 -1.71 -9.50 -23.22
C THR B 74 -1.04 -8.13 -22.95
N LEU B 75 -0.64 -7.44 -24.01
CA LEU B 75 0.14 -6.23 -23.87
C LEU B 75 -0.58 -5.17 -23.04
N HIS B 76 -1.91 -5.15 -23.09
CA HIS B 76 -2.69 -4.17 -22.32
C HIS B 76 -2.52 -4.42 -20.83
N ASP B 77 -2.45 -5.69 -20.47
CA ASP B 77 -2.33 -6.04 -19.07
C ASP B 77 -0.90 -5.93 -18.60
N GLN B 78 0.03 -6.24 -19.49
CA GLN B 78 1.45 -6.14 -19.18
C GLN B 78 1.80 -4.68 -19.04
N VAL B 79 1.30 -3.87 -19.96
CA VAL B 79 1.50 -2.44 -19.93
C VAL B 79 0.91 -1.84 -18.65
N HIS B 80 -0.29 -2.29 -18.27
CA HIS B 80 -1.01 -1.76 -17.10
C HIS B 80 -0.35 -2.15 -15.77
N LEU B 81 0.10 -3.39 -15.68
CA LEU B 81 0.85 -3.86 -14.52
C LEU B 81 2.14 -3.08 -14.37
N LEU B 82 2.79 -2.83 -15.50
CA LEU B 82 4.12 -2.25 -15.48
C LEU B 82 4.00 -0.75 -15.22
N GLU B 83 2.95 -0.13 -15.76
CA GLU B 83 2.61 1.29 -15.50
C GLU B 83 2.27 1.60 -14.04
N CYS B 84 1.46 0.72 -13.43
CA CYS B 84 1.00 0.87 -12.04
C CYS B 84 2.04 0.45 -10.97
N ALA B 85 3.06 -0.29 -11.38
CA ALA B 85 3.96 -0.89 -10.40
C ALA B 85 5.39 -0.40 -10.49
N TRP B 86 5.67 0.38 -11.53
CA TRP B 86 7.05 0.73 -11.89
C TRP B 86 7.86 1.46 -10.85
N LEU B 87 7.34 2.54 -10.30
CA LEU B 87 8.09 3.29 -9.31
C LEU B 87 8.21 2.53 -7.99
N GLU B 88 7.28 1.60 -7.76
CA GLU B 88 7.34 0.76 -6.58
C GLU B 88 8.51 -0.21 -6.67
N ILE B 89 8.69 -0.79 -7.85
CA ILE B 89 9.80 -1.70 -8.15
C ILE B 89 11.14 -1.00 -8.14
N LEU B 90 11.16 0.25 -8.60
CA LEU B 90 12.38 1.05 -8.59
C LEU B 90 12.76 1.33 -7.18
N MET B 91 11.73 1.58 -6.37
CA MET B 91 11.87 1.98 -4.98
C MET B 91 12.24 0.84 -4.05
N ILE B 92 11.75 -0.37 -4.33
CA ILE B 92 12.10 -1.51 -3.51
C ILE B 92 13.49 -1.99 -3.81
N GLY B 93 13.93 -1.76 -5.05
CA GLY B 93 15.29 -2.06 -5.44
C GLY B 93 16.29 -1.14 -4.76
N LEU B 94 15.99 0.14 -4.80
CA LEU B 94 16.82 1.15 -4.17
C LEU B 94 17.06 0.91 -2.67
N VAL B 95 16.03 0.38 -2.02
CA VAL B 95 16.02 0.17 -0.56
C VAL B 95 16.87 -1.04 -0.18
N TRP B 96 16.77 -2.05 -1.02
CA TRP B 96 17.61 -3.23 -0.93
C TRP B 96 19.07 -2.80 -1.02
N ARG B 97 19.38 -2.04 -2.06
CA ARG B 97 20.72 -1.50 -2.36
C ARG B 97 21.42 -0.79 -1.21
N SER B 98 20.69 0.12 -0.56
CA SER B 98 21.24 0.95 0.50
C SER B 98 21.02 0.33 1.86
N MET B 99 20.69 -0.95 1.87
CA MET B 99 20.40 -1.64 3.11
C MET B 99 21.55 -1.53 4.08
N GLU B 100 22.70 -2.07 3.69
CA GLU B 100 23.91 -1.97 4.50
C GLU B 100 24.63 -0.63 4.29
N HIS B 101 23.86 0.40 3.98
CA HIS B 101 24.39 1.75 4.06
C HIS B 101 23.42 2.55 4.94
N PRO B 102 23.49 2.33 6.25
CA PRO B 102 22.46 3.05 7.02
C PRO B 102 22.64 4.55 6.87
N GLY B 103 21.53 5.26 6.82
CA GLY B 103 21.56 6.70 6.69
C GLY B 103 21.63 7.14 5.25
N LYS B 104 21.90 6.20 4.36
CA LYS B 104 22.10 6.58 2.97
C LYS B 104 21.23 5.79 2.02
N LEU B 105 21.06 6.37 0.84
CA LEU B 105 20.31 5.73 -0.22
C LEU B 105 21.24 5.62 -1.43
N LEU B 106 21.58 4.38 -1.83
CA LEU B 106 22.49 4.13 -2.95
C LEU B 106 21.72 4.02 -4.25
N PHE B 107 21.57 5.14 -4.94
CA PHE B 107 20.91 5.15 -6.24
C PHE B 107 21.78 4.45 -7.27
N ALA B 108 23.07 4.77 -7.21
CA ALA B 108 24.08 4.20 -8.10
C ALA B 108 25.34 4.18 -7.27
N PRO B 109 26.25 3.25 -7.54
CA PRO B 109 27.42 3.09 -6.67
C PRO B 109 28.25 4.36 -6.62
N ASN B 110 27.96 5.26 -7.55
CA ASN B 110 28.65 6.55 -7.66
C ASN B 110 27.68 7.68 -7.33
N LEU B 111 26.48 7.29 -6.91
CA LEU B 111 25.45 8.20 -6.41
C LEU B 111 24.87 7.68 -5.10
N LEU B 112 25.52 8.03 -4.00
CA LEU B 112 25.07 7.64 -2.69
C LEU B 112 24.68 8.87 -1.88
N LEU B 113 23.38 9.03 -1.63
CA LEU B 113 22.89 10.24 -0.99
C LEU B 113 22.48 9.97 0.43
N ASP B 114 22.35 11.04 1.20
CA ASP B 114 21.87 10.94 2.57
C ASP B 114 20.76 11.96 2.84
N ARG B 115 20.29 12.02 4.08
CA ARG B 115 19.20 12.89 4.50
C ARG B 115 19.29 14.31 3.91
N ASN B 116 20.36 15.03 4.23
CA ASN B 116 20.48 16.45 3.90
C ASN B 116 20.50 16.68 2.41
N GLN B 117 21.18 15.79 1.71
CA GLN B 117 21.32 15.88 0.27
C GLN B 117 19.94 15.84 -0.42
N GLY B 118 18.96 15.18 0.19
CA GLY B 118 17.59 15.17 -0.33
C GLY B 118 16.99 16.57 -0.28
N LYS B 119 17.38 17.33 0.74
CA LYS B 119 16.85 18.66 0.96
C LYS B 119 17.19 19.62 -0.17
N CYS B 120 18.12 19.23 -1.03
CA CYS B 120 18.56 20.06 -2.15
C CYS B 120 17.45 20.37 -3.15
N VAL B 121 16.40 19.54 -3.15
CA VAL B 121 15.23 19.83 -3.97
C VAL B 121 14.00 19.75 -3.10
N GLU B 122 13.04 20.62 -3.35
CA GLU B 122 11.93 20.73 -2.42
C GLU B 122 10.89 19.62 -2.60
N GLY B 123 10.38 19.11 -1.48
CA GLY B 123 9.47 17.97 -1.46
C GLY B 123 10.19 16.65 -1.37
N MET B 124 11.45 16.64 -1.77
CA MET B 124 12.20 15.39 -1.91
C MET B 124 12.51 14.72 -0.59
N VAL B 125 12.70 15.51 0.46
CA VAL B 125 13.27 14.98 1.69
C VAL B 125 12.31 14.08 2.44
N GLU B 126 11.03 14.41 2.42
CA GLU B 126 10.04 13.57 3.05
C GLU B 126 10.11 12.16 2.49
N ILE B 127 10.25 12.05 1.18
CA ILE B 127 10.37 10.75 0.54
C ILE B 127 11.72 10.10 0.83
N PHE B 128 12.77 10.89 0.89
CA PHE B 128 14.02 10.34 1.34
C PHE B 128 13.83 9.68 2.69
N ASP B 129 13.32 10.46 3.63
CA ASP B 129 13.06 10.00 5.00
C ASP B 129 12.34 8.64 5.10
N MET B 130 11.23 8.49 4.38
CA MET B 130 10.51 7.21 4.38
C MET B 130 11.31 6.10 3.74
N LEU B 131 11.84 6.36 2.55
CA LEU B 131 12.72 5.44 1.85
C LEU B 131 13.82 4.91 2.76
N LEU B 132 14.41 5.81 3.55
CA LEU B 132 15.49 5.46 4.46
C LEU B 132 14.96 4.52 5.52
N ALA B 133 13.82 4.90 6.12
CA ALA B 133 13.15 4.07 7.13
C ALA B 133 12.80 2.68 6.60
N THR B 134 12.30 2.61 5.38
CA THR B 134 11.98 1.30 4.79
C THR B 134 13.22 0.44 4.70
N SER B 135 14.36 1.08 4.44
CA SER B 135 15.64 0.40 4.29
C SER B 135 16.11 -0.16 5.64
N SER B 136 16.05 0.67 6.66
CA SER B 136 16.36 0.26 8.04
C SER B 136 15.54 -0.94 8.49
N ARG B 137 14.24 -0.91 8.18
CA ARG B 137 13.34 -2.01 8.50
C ARG B 137 13.69 -3.33 7.79
N PHE B 138 14.24 -3.24 6.59
CA PHE B 138 14.66 -4.43 5.84
C PHE B 138 15.90 -5.02 6.47
N ARG B 139 16.68 -4.15 7.08
CA ARG B 139 17.95 -4.55 7.68
C ARG B 139 17.69 -5.15 9.05
N MET B 140 16.83 -4.49 9.82
CA MET B 140 16.32 -5.01 11.07
C MET B 140 15.73 -6.40 10.90
N MET B 141 14.94 -6.54 9.85
CA MET B 141 14.26 -7.77 9.55
C MET B 141 15.15 -8.76 8.81
N ASN B 142 16.37 -8.33 8.49
CA ASN B 142 17.35 -9.19 7.82
C ASN B 142 16.83 -9.80 6.53
N LEU B 143 16.45 -8.94 5.60
CA LEU B 143 15.89 -9.40 4.33
C LEU B 143 16.88 -10.22 3.50
N GLN B 144 16.45 -11.37 3.01
CA GLN B 144 17.29 -12.19 2.15
C GLN B 144 17.01 -11.81 0.72
N GLY B 145 17.95 -12.09 -0.18
CA GLY B 145 17.82 -11.72 -1.57
C GLY B 145 16.77 -12.58 -2.25
N GLU B 146 16.55 -13.77 -1.71
CA GLU B 146 15.54 -14.69 -2.23
C GLU B 146 14.19 -14.23 -1.75
N GLU B 147 14.19 -13.50 -0.65
CA GLU B 147 12.96 -12.88 -0.16
C GLU B 147 12.65 -11.63 -0.96
N PHE B 148 13.70 -10.97 -1.42
CA PHE B 148 13.57 -9.70 -2.12
C PHE B 148 13.05 -9.84 -3.56
N VAL B 149 13.54 -10.84 -4.26
CA VAL B 149 13.16 -11.03 -5.66
C VAL B 149 11.73 -11.49 -5.73
N CYS B 150 11.24 -12.10 -4.66
CA CYS B 150 9.88 -12.62 -4.62
C CYS B 150 8.89 -11.50 -4.37
N LEU B 151 9.23 -10.67 -3.39
CA LEU B 151 8.56 -9.39 -3.14
C LEU B 151 8.44 -8.55 -4.40
N LYS B 152 9.54 -8.37 -5.11
CA LYS B 152 9.57 -7.62 -6.35
C LYS B 152 8.57 -8.17 -7.36
N SER B 153 8.53 -9.49 -7.48
CA SER B 153 7.62 -10.16 -8.40
C SER B 153 6.17 -10.00 -7.98
N ILE B 154 5.93 -9.94 -6.67
CA ILE B 154 4.60 -9.73 -6.12
C ILE B 154 4.07 -8.33 -6.40
N ILE B 155 4.95 -7.34 -6.25
CA ILE B 155 4.65 -5.94 -6.53
C ILE B 155 4.26 -5.76 -7.98
N LEU B 156 4.87 -6.55 -8.86
CA LEU B 156 4.54 -6.46 -10.27
C LEU B 156 3.12 -6.93 -10.48
N LEU B 157 2.88 -8.18 -10.13
CA LEU B 157 1.61 -8.85 -10.38
C LEU B 157 0.42 -8.27 -9.59
N ASN B 158 0.64 -7.98 -8.32
CA ASN B 158 -0.47 -7.57 -7.45
C ASN B 158 -0.94 -6.13 -7.66
N SER B 159 0.00 -5.18 -7.77
CA SER B 159 -0.32 -3.75 -7.65
C SER B 159 -1.33 -3.17 -8.64
N GLY B 160 -1.37 -3.71 -9.84
CA GLY B 160 -2.35 -3.27 -10.81
C GLY B 160 -3.53 -4.21 -10.95
N VAL B 161 -3.47 -5.37 -10.29
CA VAL B 161 -4.42 -6.44 -10.56
C VAL B 161 -5.89 -6.05 -10.36
N TYR B 162 -6.13 -5.16 -9.39
CA TYR B 162 -7.48 -4.76 -9.03
C TYR B 162 -8.02 -3.60 -9.88
N THR B 163 -7.18 -3.01 -10.73
CA THR B 163 -7.65 -2.00 -11.67
C THR B 163 -7.70 -2.47 -13.13
N PHE B 164 -7.67 -3.79 -13.36
CA PHE B 164 -8.09 -4.34 -14.66
C PHE B 164 -9.11 -5.48 -14.52
N LEU B 165 -9.12 -6.13 -13.35
CA LEU B 165 -10.14 -7.13 -13.00
C LEU B 165 -9.65 -8.57 -13.03
N SER B 171 -12.25 -9.56 -18.18
CA SER B 171 -10.95 -10.19 -18.04
C SER B 171 -10.88 -11.03 -16.76
N LEU B 172 -12.04 -11.52 -16.32
CA LEU B 172 -12.16 -12.45 -15.18
C LEU B 172 -11.12 -13.60 -15.11
N GLU B 173 -10.66 -14.07 -16.27
CA GLU B 173 -9.75 -15.24 -16.35
C GLU B 173 -8.26 -14.93 -16.50
N GLU B 174 -7.95 -13.76 -17.03
CA GLU B 174 -6.60 -13.28 -16.84
C GLU B 174 -6.54 -13.02 -15.34
N LYS B 175 -7.50 -12.27 -14.83
CA LYS B 175 -7.53 -12.03 -13.38
C LYS B 175 -6.94 -13.18 -12.52
N ASP B 176 -7.65 -14.29 -12.38
CA ASP B 176 -7.24 -15.43 -11.52
C ASP B 176 -6.00 -16.26 -11.95
N HIS B 177 -5.46 -16.05 -13.13
CA HIS B 177 -4.23 -16.77 -13.44
C HIS B 177 -3.03 -15.94 -12.95
N ILE B 178 -3.29 -14.65 -12.80
CA ILE B 178 -2.38 -13.76 -12.11
C ILE B 178 -2.41 -14.12 -10.65
N HIS B 179 -3.63 -14.41 -10.19
CA HIS B 179 -3.88 -14.76 -8.81
C HIS B 179 -3.22 -16.09 -8.46
N ARG B 180 -3.20 -16.98 -9.45
CA ARG B 180 -2.69 -18.34 -9.32
C ARG B 180 -1.18 -18.38 -9.29
N VAL B 181 -0.56 -17.33 -9.81
CA VAL B 181 0.89 -17.22 -9.80
C VAL B 181 1.31 -16.61 -8.49
N LEU B 182 0.53 -15.63 -8.09
CA LEU B 182 0.79 -14.87 -6.89
C LEU B 182 0.73 -15.83 -5.72
N ASP B 183 -0.15 -16.82 -5.82
CA ASP B 183 -0.23 -17.90 -4.84
C ASP B 183 1.04 -18.73 -4.81
N LYS B 184 1.42 -19.26 -5.96
CA LYS B 184 2.74 -19.87 -6.11
C LYS B 184 3.83 -19.12 -5.37
N ILE B 185 3.90 -17.81 -5.53
CA ILE B 185 4.99 -17.05 -4.90
C ILE B 185 4.96 -17.02 -3.38
N THR B 186 3.76 -17.02 -2.78
CA THR B 186 3.68 -17.05 -1.34
C THR B 186 4.08 -18.44 -0.89
N ASP B 187 3.79 -19.43 -1.74
CA ASP B 187 4.21 -20.81 -1.48
C ASP B 187 5.74 -20.88 -1.47
N THR B 188 6.34 -20.41 -2.57
CA THR B 188 7.78 -20.26 -2.67
C THR B 188 8.35 -19.51 -1.46
N LEU B 189 7.81 -18.33 -1.19
CA LEU B 189 8.27 -17.48 -0.11
C LEU B 189 8.34 -18.21 1.23
N ILE B 190 7.29 -18.99 1.50
CA ILE B 190 7.16 -19.77 2.74
C ILE B 190 8.16 -20.91 2.80
N HIS B 191 8.21 -21.66 1.70
CA HIS B 191 9.13 -22.76 1.50
C HIS B 191 10.57 -22.34 1.75
N LEU B 192 10.81 -21.06 1.57
CA LEU B 192 12.11 -20.48 1.81
C LEU B 192 12.29 -20.27 3.29
N MET B 193 11.21 -19.88 3.96
CA MET B 193 11.23 -19.62 5.40
C MET B 193 11.36 -20.90 6.20
N ALA B 194 10.65 -21.92 5.74
CA ALA B 194 10.83 -23.28 6.25
C ALA B 194 12.30 -23.65 6.20
N LYS B 195 12.90 -23.45 5.03
CA LYS B 195 14.25 -23.93 4.71
C LYS B 195 15.32 -23.17 5.48
N ALA B 196 15.03 -21.90 5.80
CA ALA B 196 15.91 -21.10 6.64
C ALA B 196 15.85 -21.58 8.08
N GLY B 197 14.89 -22.49 8.33
CA GLY B 197 14.69 -23.08 9.64
C GLY B 197 13.80 -22.25 10.54
N LEU B 198 12.88 -21.50 9.95
CA LEU B 198 11.90 -20.75 10.73
C LEU B 198 10.76 -21.67 11.07
N THR B 199 10.29 -21.55 12.31
CA THR B 199 9.15 -22.32 12.83
C THR B 199 7.84 -21.91 12.18
N LEU B 200 6.95 -22.86 11.99
CA LEU B 200 5.65 -22.61 11.36
C LEU B 200 4.97 -21.30 11.77
N GLN B 201 5.17 -20.87 13.01
CA GLN B 201 4.57 -19.62 13.50
C GLN B 201 5.38 -18.38 13.17
N GLN B 202 6.69 -18.53 13.06
CA GLN B 202 7.56 -17.49 12.51
C GLN B 202 7.32 -17.34 11.00
N GLN B 203 7.12 -18.46 10.33
CA GLN B 203 6.82 -18.47 8.91
C GLN B 203 5.68 -17.52 8.52
N HIS B 204 4.51 -17.71 9.13
CA HIS B 204 3.38 -16.83 8.85
C HIS B 204 3.56 -15.46 9.49
N GLN B 205 4.24 -15.39 10.63
CA GLN B 205 4.45 -14.10 11.26
C GLN B 205 5.24 -13.14 10.38
N ARG B 206 6.33 -13.65 9.80
CA ARG B 206 7.22 -12.90 8.91
C ARG B 206 6.61 -12.68 7.52
N LEU B 207 5.96 -13.70 6.99
CA LEU B 207 5.21 -13.54 5.74
C LEU B 207 4.39 -12.28 5.85
N ALA B 208 3.76 -12.08 7.00
CA ALA B 208 2.92 -10.91 7.23
C ALA B 208 3.72 -9.62 7.36
N GLN B 209 4.88 -9.70 8.00
CA GLN B 209 5.76 -8.54 8.12
C GLN B 209 6.21 -8.04 6.76
N LEU B 210 6.62 -8.95 5.91
CA LEU B 210 7.04 -8.59 4.57
C LEU B 210 5.91 -7.93 3.80
N LEU B 211 4.75 -8.58 3.79
CA LEU B 211 3.65 -8.15 2.94
C LEU B 211 3.07 -6.84 3.44
N LEU B 212 3.32 -6.54 4.71
CA LEU B 212 2.79 -5.34 5.33
C LEU B 212 3.63 -4.12 4.99
N ILE B 213 4.88 -4.38 4.60
CA ILE B 213 5.75 -3.32 4.15
C ILE B 213 5.36 -2.92 2.74
N LEU B 214 5.02 -3.89 1.90
CA LEU B 214 4.60 -3.60 0.54
C LEU B 214 3.56 -2.49 0.49
N SER B 215 2.85 -2.33 1.60
CA SER B 215 1.82 -1.30 1.69
C SER B 215 2.46 0.06 1.90
N HIS B 216 3.53 0.07 2.69
CA HIS B 216 4.37 1.25 2.89
C HIS B 216 5.03 1.64 1.59
N ILE B 217 5.38 0.63 0.80
CA ILE B 217 5.99 0.85 -0.49
C ILE B 217 4.97 1.41 -1.48
N ARG B 218 3.72 1.01 -1.38
CA ARG B 218 2.67 1.60 -2.21
C ARG B 218 2.42 3.02 -1.76
N HIS B 219 2.67 3.30 -0.50
CA HIS B 219 2.43 4.63 0.02
C HIS B 219 3.51 5.57 -0.46
N MET B 220 4.74 5.09 -0.43
CA MET B 220 5.87 5.81 -0.98
C MET B 220 5.76 6.07 -2.48
N SER B 221 5.57 5.02 -3.27
CA SER B 221 5.37 5.15 -4.72
C SER B 221 4.39 6.25 -5.05
N ASN B 222 3.30 6.31 -4.30
CA ASN B 222 2.25 7.27 -4.58
C ASN B 222 2.70 8.69 -4.26
N LYS B 223 3.42 8.84 -3.16
CA LYS B 223 3.92 10.14 -2.76
C LYS B 223 4.97 10.64 -3.75
N GLY B 224 5.89 9.76 -4.10
CA GLY B 224 6.91 10.08 -5.07
C GLY B 224 6.34 10.34 -6.45
N MET B 225 5.30 9.61 -6.83
CA MET B 225 4.64 9.85 -8.10
C MET B 225 4.02 11.23 -8.08
N GLU B 226 3.62 11.69 -6.89
CA GLU B 226 3.00 12.99 -6.73
C GLU B 226 4.07 14.09 -6.78
N HIS B 227 5.21 13.81 -6.17
CA HIS B 227 6.39 14.69 -6.22
C HIS B 227 6.90 14.81 -7.65
N LEU B 228 7.11 13.66 -8.27
CA LEU B 228 7.59 13.62 -9.62
C LEU B 228 6.71 14.52 -10.49
N TYR B 229 5.40 14.42 -10.32
CA TYR B 229 4.46 15.19 -11.12
C TYR B 229 4.61 16.68 -10.87
N SER B 230 4.99 17.03 -9.65
CA SER B 230 5.22 18.44 -9.31
C SER B 230 6.42 19.02 -10.05
N MET B 231 7.49 18.25 -10.16
CA MET B 231 8.68 18.69 -10.87
C MET B 231 8.35 18.95 -12.33
N LYS B 232 7.60 18.06 -12.95
CA LYS B 232 7.19 18.29 -14.33
C LYS B 232 6.36 19.55 -14.46
N CYS B 233 5.68 19.93 -13.38
CA CYS B 233 4.76 21.07 -13.43
C CYS B 233 5.42 22.39 -13.03
N LYS B 234 6.51 22.27 -12.29
CA LYS B 234 7.41 23.38 -11.96
C LYS B 234 8.63 23.35 -12.92
N ASN B 235 8.54 22.57 -13.99
CA ASN B 235 9.53 22.62 -15.06
C ASN B 235 11.02 22.51 -14.68
N VAL B 236 11.34 21.84 -13.57
CA VAL B 236 12.74 21.81 -13.13
C VAL B 236 13.61 20.96 -14.06
N VAL B 237 13.07 19.81 -14.45
CA VAL B 237 13.76 18.92 -15.37
C VAL B 237 12.87 18.49 -16.52
N PRO B 238 13.48 18.24 -17.68
CA PRO B 238 12.79 17.55 -18.78
C PRO B 238 12.79 16.05 -18.48
N LEU B 239 11.78 15.33 -18.95
CA LEU B 239 11.58 13.94 -18.56
C LEU B 239 11.47 13.08 -19.79
N SER B 240 12.18 11.96 -19.78
CA SER B 240 12.14 11.01 -20.89
C SER B 240 10.72 10.80 -21.34
N ASP B 241 10.47 10.92 -22.65
CA ASP B 241 9.11 10.73 -23.17
C ASP B 241 8.47 9.48 -22.58
N LEU B 242 9.30 8.53 -22.18
CA LEU B 242 8.84 7.29 -21.57
C LEU B 242 8.33 7.51 -20.14
N LEU B 243 9.05 8.30 -19.36
CA LEU B 243 8.66 8.66 -18.00
C LEU B 243 7.39 9.46 -18.01
N LEU B 244 7.23 10.25 -19.06
CA LEU B 244 6.04 11.06 -19.26
C LEU B 244 4.81 10.19 -19.44
N GLU B 245 5.00 9.04 -20.06
CA GLU B 245 3.94 8.07 -20.31
C GLU B 245 3.60 7.28 -19.06
N MET B 246 4.55 7.21 -18.14
CA MET B 246 4.41 6.46 -16.90
C MET B 246 3.63 7.29 -15.90
N LEU B 247 3.92 8.58 -15.89
CA LEU B 247 3.32 9.50 -14.95
C LEU B 247 1.89 9.77 -15.39
N ASP B 248 1.68 9.64 -16.69
CA ASP B 248 0.44 9.96 -17.36
C ASP B 248 -0.55 8.81 -17.24
N ALA B 249 0.00 7.66 -16.86
CA ALA B 249 -0.81 6.51 -16.49
C ALA B 249 -1.42 6.75 -15.10
N HIS B 250 -0.78 7.62 -14.33
CA HIS B 250 -1.34 8.10 -13.08
C HIS B 250 -2.02 9.46 -13.26
N ARG B 251 -2.92 9.81 -12.35
CA ARG B 251 -3.65 11.08 -12.45
C ARG B 251 -4.11 11.62 -11.09
N LYS C 3 -5.47 20.83 18.61
CA LYS C 3 -6.01 20.02 17.52
C LYS C 3 -7.26 19.26 17.95
N ILE C 4 -8.24 19.20 17.05
CA ILE C 4 -9.52 18.56 17.32
C ILE C 4 -9.35 17.09 17.65
N LEU C 5 -8.66 16.37 16.79
CA LEU C 5 -8.39 14.96 17.02
C LEU C 5 -7.73 14.73 18.39
N HIS C 6 -6.87 15.65 18.80
CA HIS C 6 -6.13 15.49 20.06
C HIS C 6 -7.09 15.44 21.23
N ARG C 7 -7.98 16.41 21.26
CA ARG C 7 -9.06 16.52 22.22
C ARG C 7 -9.89 15.24 22.21
N LEU C 8 -10.39 14.88 21.02
CA LEU C 8 -11.23 13.70 20.82
C LEU C 8 -10.65 12.38 21.37
N LEU C 9 -9.31 12.30 21.40
CA LEU C 9 -8.60 11.10 21.89
C LEU C 9 -8.65 10.95 23.42
N GLN C 10 -8.44 12.06 24.13
CA GLN C 10 -8.47 12.10 25.59
C GLN C 10 -9.89 12.06 26.15
N ASP C 11 -10.87 12.35 25.27
CA ASP C 11 -12.26 12.44 25.71
C ASP C 11 -12.93 11.09 25.59
N HIS D 2 0.50 5.49 -30.28
CA HIS D 2 1.43 4.36 -30.16
C HIS D 2 2.34 4.50 -28.94
N LYS D 3 2.18 3.61 -27.97
CA LYS D 3 2.89 3.77 -26.70
C LYS D 3 4.31 3.20 -26.67
N ILE D 4 5.24 4.02 -26.19
CA ILE D 4 6.63 3.60 -26.03
C ILE D 4 6.73 2.32 -25.22
N LEU D 5 5.93 2.22 -24.17
CA LEU D 5 5.95 1.03 -23.33
C LEU D 5 5.39 -0.17 -24.10
N HIS D 6 4.32 0.06 -24.85
CA HIS D 6 3.74 -1.01 -25.66
C HIS D 6 4.76 -1.65 -26.61
N ARG D 7 5.61 -0.84 -27.25
CA ARG D 7 6.63 -1.33 -28.19
C ARG D 7 7.79 -1.99 -27.46
N LEU D 8 8.19 -1.38 -26.35
CA LEU D 8 9.29 -1.87 -25.53
C LEU D 8 9.03 -3.30 -25.07
N LEU D 9 7.75 -3.62 -24.86
CA LEU D 9 7.38 -4.94 -24.34
C LEU D 9 7.44 -6.08 -25.36
N GLN D 10 7.63 -5.74 -26.63
CA GLN D 10 7.87 -6.76 -27.65
C GLN D 10 9.22 -6.49 -28.28
N ASP D 11 9.86 -5.38 -27.88
CA ASP D 11 11.22 -5.08 -28.35
C ASP D 11 12.16 -6.12 -27.78
O1 J2Z E . -13.61 12.93 -1.35
C7 J2Z E . -13.48 11.80 -0.91
C8 J2Z E . -12.44 10.86 -1.41
O2 J2Z E . -12.49 10.84 -2.83
C9 J2Z E . -12.85 9.50 -0.82
C10 J2Z E . -14.24 9.68 -0.26
C5 J2Z E . -14.32 11.15 0.16
C6 J2Z E . -13.60 11.41 1.49
C12 J2Z E . -14.67 8.80 0.91
C2 J2Z E . -16.15 9.10 1.08
C3 J2Z E . -16.42 10.58 1.33
C4 J2Z E . -15.79 11.54 0.31
C14 J2Z E . -14.42 7.32 0.64
C15 J2Z E . -15.08 6.37 1.63
C16 J2Z E . -16.20 6.98 2.44
C21 J2Z E . -16.69 8.26 2.18
C17 J2Z E . -16.76 6.24 3.48
C18 J2Z E . -17.81 6.76 4.25
O3 J2Z E . -18.35 6.05 5.27
C19 J2Z E . -18.29 8.03 3.98
C20 J2Z E . -17.74 8.78 2.95
O1 J2Z F . 11.06 12.70 -8.50
C7 J2Z F . 11.04 11.62 -7.95
C8 J2Z F . 10.27 11.27 -6.71
O2 J2Z F . 10.41 12.22 -5.66
C9 J2Z F . 10.89 9.97 -6.22
C10 J2Z F . 12.13 9.79 -7.07
C5 J2Z F . 11.79 10.39 -8.42
C6 J2Z F . 10.78 9.51 -9.15
C12 J2Z F . 12.62 8.37 -7.26
C2 J2Z F . 13.94 8.51 -7.98
C3 J2Z F . 13.84 9.25 -9.33
C4 J2Z F . 13.05 10.58 -9.26
C14 J2Z F . 12.79 7.68 -5.91
C15 J2Z F . 13.42 6.30 -6.04
C16 J2Z F . 14.35 6.14 -7.23
C21 J2Z F . 14.57 7.18 -8.14
C17 J2Z F . 15.00 4.91 -7.44
C18 J2Z F . 15.85 4.74 -8.52
O3 J2Z F . 16.50 3.56 -8.75
C19 J2Z F . 16.06 5.78 -9.42
C20 J2Z F . 15.43 7.00 -9.22
#